data_3JZH
#
_entry.id   3JZH
#
_cell.length_a   57.823
_cell.length_b   85.285
_cell.length_c   91.202
_cell.angle_alpha   90.00
_cell.angle_beta   90.00
_cell.angle_gamma   90.00
#
_symmetry.space_group_name_H-M   'P 21 21 21'
#
loop_
_entity.id
_entity.type
_entity.pdbx_description
1 polymer 'Polycomb protein EED'
2 polymer 'HISTONE PEPTIDE'
3 water water
#
loop_
_entity_poly.entity_id
_entity_poly.type
_entity_poly.pdbx_seq_one_letter_code
_entity_poly.pdbx_strand_id
1 'polypeptide(L)'
;DAVSIESGTNTERPDTPTNTPNAPGRKSWGKGKWKSKKCKYSFKCVNSLKEDHNQPLFGVQFNWHSKEGDPLVFATVGSN
RVTLYECHSQGEIRLLQSYVDADADENFYTCAWTYDSNTSHPLLAVAGSRGIIRIINPITMQCIKHYVGHGNAINELKFH
PRDPNLLLSVSKDHALRLWNIQTDTLVAIFGGVEGHRDEVLSADYDLLGEKIMSCGMDHSLKLWRINSKRMMNAIKESYD
YNPNKTNRPFISQKIHFPDFSTRDIHRNYVDCVRWLGDLILSKSCENAIVCWKPGKMEDDIDKIKPSESNVTILGRFDYS
QCDIWYMRFSMDFWQKMLALGNQVGKLYVWDLEVEDPHKAKCTTLTHHKCGAAIRQTSFSRDSSILIAVCDDASIWRWDR
LR
;
A
2 'polypeptide(L)' DF(M3L)TD B
#
# COMPACT_ATOMS: atom_id res chain seq x y z
N SER A 42 24.13 11.20 0.22
CA SER A 42 22.84 11.53 0.86
C SER A 42 22.59 10.41 1.91
N PHE A 43 21.76 9.38 1.57
CA PHE A 43 21.51 8.28 2.55
C PHE A 43 22.73 7.46 2.96
N LYS A 44 22.92 7.27 4.27
CA LYS A 44 23.96 6.39 4.83
C LYS A 44 23.28 5.35 5.70
N CYS A 45 23.77 4.10 5.67
CA CYS A 45 23.13 3.08 6.50
C CYS A 45 23.65 3.23 7.97
N VAL A 46 22.73 3.43 8.92
CA VAL A 46 23.11 3.79 10.29
C VAL A 46 22.80 2.70 11.29
N ASN A 47 22.00 1.71 10.94
CA ASN A 47 21.69 0.57 11.84
C ASN A 47 20.89 -0.50 11.13
N SER A 48 20.85 -1.67 11.73
CA SER A 48 19.95 -2.71 11.29
C SER A 48 19.61 -3.58 12.53
N LEU A 49 18.52 -4.34 12.46
CA LEU A 49 18.27 -5.38 13.41
C LEU A 49 17.49 -6.45 12.73
N LYS A 50 17.19 -7.51 13.48
CA LYS A 50 16.46 -8.66 12.98
C LYS A 50 15.39 -9.02 14.00
N GLU A 51 14.17 -9.33 13.57
CA GLU A 51 13.16 -9.71 14.57
C GLU A 51 13.25 -11.19 14.89
N ASP A 52 12.81 -11.58 16.08
CA ASP A 52 13.05 -12.95 16.60
C ASP A 52 12.32 -14.08 15.84
N HIS A 53 11.28 -13.80 15.08
CA HIS A 53 10.58 -14.91 14.41
C HIS A 53 11.27 -15.47 13.13
N ASN A 54 12.21 -14.72 12.56
CA ASN A 54 12.91 -15.15 11.35
C ASN A 54 12.05 -15.42 10.11
N GLN A 55 10.84 -14.90 10.04
CA GLN A 55 10.01 -14.95 8.82
C GLN A 55 10.06 -13.62 8.07
N PRO A 56 9.61 -13.62 6.81
CA PRO A 56 9.68 -12.34 6.09
C PRO A 56 8.90 -11.20 6.80
N LEU A 57 9.51 -10.01 6.85
CA LEU A 57 8.78 -8.74 7.05
C LEU A 57 8.23 -8.32 5.70
N PHE A 58 6.93 -8.43 5.52
CA PHE A 58 6.29 -8.16 4.22
C PHE A 58 5.91 -6.69 4.13
N GLY A 59 5.85 -6.01 5.26
CA GLY A 59 5.44 -4.60 5.20
C GLY A 59 6.12 -3.71 6.21
N VAL A 60 6.26 -2.43 5.83
CA VAL A 60 6.75 -1.41 6.75
C VAL A 60 6.03 -0.08 6.45
N GLN A 61 5.61 0.66 7.47
CA GLN A 61 5.03 2.00 7.28
C GLN A 61 5.46 2.91 8.44
N PHE A 62 6.10 4.05 8.13
CA PHE A 62 6.17 5.17 9.10
C PHE A 62 4.82 5.72 9.37
N ASN A 63 4.60 6.14 10.59
CA ASN A 63 3.36 6.84 10.92
C ASN A 63 3.51 8.32 10.51
N TRP A 64 2.90 8.68 9.36
CA TRP A 64 2.92 10.08 8.93
C TRP A 64 1.93 10.98 9.72
N HIS A 65 1.13 10.40 10.64
CA HIS A 65 0.31 11.24 11.57
C HIS A 65 0.90 11.41 13.00
N SER A 66 2.22 11.28 13.13
CA SER A 66 2.94 11.67 14.37
C SER A 66 2.61 13.08 14.80
N LYS A 67 2.45 13.33 16.11
CA LYS A 67 2.22 14.70 16.59
C LYS A 67 3.53 15.48 16.57
N GLU A 68 3.45 16.80 16.34
CA GLU A 68 4.67 17.64 16.34
C GLU A 68 5.52 17.35 17.58
N GLY A 69 6.82 17.18 17.40
CA GLY A 69 7.69 16.92 18.55
C GLY A 69 7.77 15.50 19.11
N ASP A 70 6.93 14.55 18.67
CA ASP A 70 7.18 13.17 19.07
C ASP A 70 8.18 12.49 18.13
N PRO A 71 8.85 11.43 18.59
CA PRO A 71 9.83 10.77 17.75
C PRO A 71 9.17 10.07 16.52
N LEU A 72 9.95 9.81 15.47
CA LEU A 72 9.39 9.19 14.30
C LEU A 72 9.19 7.70 14.68
N VAL A 73 8.08 7.12 14.21
CA VAL A 73 7.70 5.76 14.54
C VAL A 73 7.30 5.02 13.25
N PHE A 74 7.69 3.76 13.15
CA PHE A 74 7.22 2.89 12.07
C PHE A 74 6.74 1.54 12.60
N ALA A 75 5.85 0.94 11.84
CA ALA A 75 5.37 -0.40 12.10
C ALA A 75 5.96 -1.38 11.06
N THR A 76 6.32 -2.60 11.48
CA THR A 76 6.72 -3.69 10.56
C THR A 76 5.67 -4.74 10.76
N VAL A 77 5.38 -5.53 9.71
CA VAL A 77 4.41 -6.68 9.82
C VAL A 77 5.14 -7.89 9.23
N GLY A 78 5.10 -9.02 9.94
CA GLY A 78 5.66 -10.24 9.47
C GLY A 78 5.23 -11.32 10.45
N SER A 79 5.33 -12.58 10.03
CA SER A 79 4.85 -13.69 10.84
C SER A 79 3.38 -13.39 11.24
N ASN A 80 2.95 -13.70 12.47
CA ASN A 80 1.62 -13.27 12.94
C ASN A 80 1.67 -12.00 13.81
N ARG A 81 2.58 -11.07 13.53
CA ARG A 81 2.70 -9.90 14.42
C ARG A 81 2.82 -8.55 13.68
N VAL A 82 2.55 -7.48 14.40
CA VAL A 82 2.90 -6.13 14.01
C VAL A 82 3.77 -5.59 15.12
N THR A 83 4.85 -4.89 14.82
CA THR A 83 5.73 -4.34 15.85
C THR A 83 5.99 -2.84 15.56
N LEU A 84 5.98 -2.03 16.62
CA LEU A 84 6.30 -0.64 16.48
C LEU A 84 7.72 -0.34 16.96
N TYR A 85 8.42 0.57 16.28
CA TYR A 85 9.77 1.00 16.68
C TYR A 85 9.84 2.50 16.63
N GLU A 86 10.71 3.09 17.45
CA GLU A 86 10.90 4.52 17.45
C GLU A 86 12.32 4.85 16.99
N CYS A 87 12.46 5.82 16.08
CA CYS A 87 13.78 6.28 15.58
C CYS A 87 14.37 7.36 16.50
N HIS A 88 15.60 7.09 16.94
CA HIS A 88 16.34 8.04 17.76
C HIS A 88 17.69 8.32 17.19
N SER A 89 18.41 9.26 17.82
CA SER A 89 19.74 9.63 17.31
C SER A 89 20.75 8.48 17.39
N GLN A 90 21.85 8.64 16.63
CA GLN A 90 22.91 7.64 16.49
C GLN A 90 22.39 6.37 15.92
N GLY A 91 21.44 6.48 15.00
CA GLY A 91 20.80 5.33 14.38
C GLY A 91 20.02 4.38 15.31
N GLU A 92 19.79 4.74 16.58
CA GLU A 92 19.00 3.87 17.44
C GLU A 92 17.58 3.59 16.92
N ILE A 93 17.22 2.31 16.93
CA ILE A 93 15.91 1.83 16.54
C ILE A 93 15.35 1.19 17.84
N ARG A 94 14.61 2.00 18.62
CA ARG A 94 14.06 1.56 19.91
C ARG A 94 12.78 0.68 19.76
N LEU A 95 12.88 -0.57 20.20
CA LEU A 95 11.72 -1.52 20.20
C LEU A 95 10.65 -1.08 21.22
N LEU A 96 9.41 -1.04 20.79
CA LEU A 96 8.32 -0.61 21.66
C LEU A 96 7.46 -1.83 22.07
N GLN A 97 6.43 -2.13 21.27
CA GLN A 97 5.54 -3.24 21.66
C GLN A 97 4.91 -3.79 20.39
N SER A 98 4.52 -5.05 20.46
CA SER A 98 3.96 -5.75 19.32
C SER A 98 2.51 -6.10 19.61
N TYR A 99 1.75 -6.28 18.54
CA TYR A 99 0.50 -6.99 18.59
C TYR A 99 0.76 -8.35 17.90
N VAL A 100 0.45 -9.46 18.63
CA VAL A 100 0.59 -10.84 18.14
C VAL A 100 -0.77 -11.48 18.04
N ASP A 101 -1.14 -11.93 16.85
CA ASP A 101 -2.45 -12.53 16.66
C ASP A 101 -2.67 -13.80 17.55
N ALA A 102 -3.91 -14.00 18.01
CA ALA A 102 -4.32 -15.26 18.66
C ALA A 102 -4.00 -16.50 17.79
N ASP A 103 -4.16 -16.40 16.46
CA ASP A 103 -3.92 -17.58 15.60
C ASP A 103 -2.43 -17.64 15.21
N ALA A 104 -1.73 -18.72 15.60
CA ALA A 104 -0.29 -18.87 15.25
C ALA A 104 -0.09 -18.98 13.71
N ASP A 105 -1.17 -19.35 13.01
CA ASP A 105 -1.21 -19.48 11.53
C ASP A 105 -1.64 -18.20 10.76
N GLU A 106 -1.99 -17.13 11.47
CA GLU A 106 -2.18 -15.82 10.83
C GLU A 106 -0.83 -15.43 10.24
N ASN A 107 -0.86 -14.75 9.11
CA ASN A 107 0.38 -14.21 8.62
C ASN A 107 0.08 -12.78 8.11
N PHE A 108 0.58 -11.77 8.81
CA PHE A 108 0.16 -10.44 8.42
C PHE A 108 1.02 -10.00 7.22
N TYR A 109 0.36 -9.35 6.29
CA TYR A 109 1.06 -8.95 5.03
C TYR A 109 1.28 -7.46 4.90
N THR A 110 0.32 -6.71 5.46
CA THR A 110 0.21 -5.31 5.17
C THR A 110 -0.28 -4.52 6.35
N CYS A 111 0.10 -3.25 6.40
CA CYS A 111 -0.48 -2.36 7.39
C CYS A 111 -0.62 -0.94 6.80
N ALA A 112 -1.46 -0.11 7.43
CA ALA A 112 -1.65 1.29 7.00
C ALA A 112 -2.11 2.14 8.19
N TRP A 113 -1.55 3.35 8.30
CA TRP A 113 -1.86 4.28 9.44
C TRP A 113 -3.01 5.19 9.04
N THR A 114 -3.84 5.53 10.02
CA THR A 114 -4.80 6.62 9.90
C THR A 114 -4.88 7.25 11.29
N TYR A 115 -5.90 8.04 11.55
CA TYR A 115 -6.11 8.47 12.93
C TYR A 115 -7.59 8.45 13.23
N ASP A 116 -7.94 8.45 14.51
CA ASP A 116 -9.32 8.55 14.91
C ASP A 116 -9.85 9.92 14.59
N SER A 117 -11.00 10.03 13.94
CA SER A 117 -11.34 11.32 13.36
C SER A 117 -11.96 12.29 14.39
N ASN A 118 -12.34 11.74 15.55
CA ASN A 118 -12.79 12.51 16.68
C ASN A 118 -11.67 12.87 17.64
N THR A 119 -10.81 11.93 18.03
CA THR A 119 -9.77 12.22 19.02
C THR A 119 -8.40 12.63 18.44
N SER A 120 -8.17 12.42 17.14
CA SER A 120 -6.85 12.61 16.54
C SER A 120 -5.81 11.56 16.80
N HIS A 121 -6.09 10.62 17.68
CA HIS A 121 -5.05 9.63 18.00
C HIS A 121 -4.85 8.71 16.79
N PRO A 122 -3.59 8.36 16.47
CA PRO A 122 -3.25 7.47 15.35
C PRO A 122 -3.84 6.09 15.57
N LEU A 123 -4.19 5.40 14.48
CA LEU A 123 -4.68 4.04 14.52
C LEU A 123 -3.87 3.33 13.45
N LEU A 124 -3.76 2.02 13.63
CA LEU A 124 -2.99 1.20 12.70
C LEU A 124 -3.85 0.03 12.26
N ALA A 125 -4.03 -0.12 10.94
CA ALA A 125 -4.79 -1.22 10.40
C ALA A 125 -3.82 -2.26 9.89
N VAL A 126 -4.08 -3.56 10.17
CA VAL A 126 -3.21 -4.65 9.70
C VAL A 126 -4.10 -5.78 9.13
N ALA A 127 -3.57 -6.56 8.20
CA ALA A 127 -4.34 -7.65 7.59
C ALA A 127 -3.34 -8.53 6.89
N GLY A 128 -3.78 -9.74 6.54
CA GLY A 128 -2.92 -10.77 5.93
C GLY A 128 -3.73 -11.99 5.52
N SER A 129 -3.12 -13.16 5.69
CA SER A 129 -3.67 -14.36 5.07
C SER A 129 -5.05 -14.74 5.60
N ARG A 130 -5.36 -14.52 6.88
CA ARG A 130 -6.72 -14.83 7.41
C ARG A 130 -7.84 -13.98 6.79
N GLY A 131 -7.50 -12.90 6.11
CA GLY A 131 -8.51 -12.03 5.50
C GLY A 131 -9.27 -11.25 6.51
N ILE A 132 -8.66 -11.01 7.66
CA ILE A 132 -9.27 -10.24 8.73
C ILE A 132 -8.51 -8.89 8.90
N ILE A 133 -9.25 -7.77 8.86
CA ILE A 133 -8.67 -6.45 9.07
C ILE A 133 -8.72 -6.14 10.57
N ARG A 134 -7.56 -5.87 11.14
CA ARG A 134 -7.54 -5.44 12.54
C ARG A 134 -7.21 -3.97 12.65
N ILE A 135 -7.94 -3.25 13.50
CA ILE A 135 -7.71 -1.87 13.80
C ILE A 135 -7.06 -1.84 15.15
N ILE A 136 -5.79 -1.41 15.18
CA ILE A 136 -4.90 -1.50 16.40
C ILE A 136 -4.70 -0.13 17.05
N ASN A 137 -4.91 -0.04 18.34
CA ASN A 137 -4.44 1.13 19.12
C ASN A 137 -2.93 1.04 19.32
N PRO A 138 -2.17 1.88 18.63
CA PRO A 138 -0.75 1.73 18.66
C PRO A 138 -0.08 1.98 20.01
N ILE A 139 -0.77 2.72 20.88
CA ILE A 139 -0.23 3.08 22.18
C ILE A 139 -0.20 1.80 23.04
N THR A 140 -1.33 1.10 23.16
CA THR A 140 -1.42 -0.10 24.02
C THR A 140 -1.27 -1.39 23.22
N MET A 141 -1.35 -1.27 21.89
CA MET A 141 -1.39 -2.38 20.95
C MET A 141 -2.64 -3.23 21.11
N GLN A 142 -3.75 -2.66 21.63
CA GLN A 142 -4.99 -3.45 21.69
C GLN A 142 -5.62 -3.50 20.33
N CYS A 143 -6.20 -4.66 20.01
CA CYS A 143 -7.06 -4.73 18.85
C CYS A 143 -8.39 -4.05 19.22
N ILE A 144 -8.65 -2.86 18.69
CA ILE A 144 -9.88 -2.16 19.08
C ILE A 144 -11.09 -2.86 18.46
N LYS A 145 -10.91 -3.42 17.24
CA LYS A 145 -12.00 -4.01 16.42
C LYS A 145 -11.46 -4.64 15.15
N HIS A 146 -12.24 -5.50 14.51
CA HIS A 146 -11.76 -6.16 13.29
C HIS A 146 -12.95 -6.28 12.32
N TYR A 147 -12.66 -6.57 11.05
CA TYR A 147 -13.67 -6.58 9.98
C TYR A 147 -13.40 -7.85 9.20
N VAL A 148 -14.44 -8.55 8.80
CA VAL A 148 -14.26 -9.78 8.04
C VAL A 148 -15.15 -9.61 6.85
N GLY A 149 -14.87 -10.30 5.76
CA GLY A 149 -15.81 -10.38 4.67
C GLY A 149 -15.08 -11.00 3.53
N HIS A 150 -13.93 -10.40 3.18
CA HIS A 150 -12.98 -11.00 2.17
C HIS A 150 -12.91 -12.49 2.43
N GLY A 151 -12.92 -12.84 3.76
CA GLY A 151 -12.59 -14.16 4.34
C GLY A 151 -11.23 -14.73 3.91
N ASN A 152 -10.72 -14.18 2.81
CA ASN A 152 -9.61 -14.66 1.96
C ASN A 152 -8.49 -13.66 2.06
N ALA A 153 -7.24 -14.03 1.76
CA ALA A 153 -6.07 -13.21 2.16
C ALA A 153 -6.25 -11.77 1.68
N ILE A 154 -5.85 -10.82 2.53
CA ILE A 154 -5.74 -9.43 2.16
C ILE A 154 -4.30 -9.10 1.80
N ASN A 155 -4.05 -8.64 0.58
CA ASN A 155 -2.70 -8.36 0.07
C ASN A 155 -2.24 -6.91 0.28
N GLU A 156 -3.19 -5.96 0.43
CA GLU A 156 -2.90 -4.54 0.68
C GLU A 156 -4.07 -3.75 1.29
N LEU A 157 -3.71 -2.77 2.14
CA LEU A 157 -4.63 -1.83 2.73
C LEU A 157 -4.13 -0.43 2.42
N LYS A 158 -5.06 0.51 2.19
CA LYS A 158 -4.66 1.91 1.93
C LYS A 158 -5.79 2.76 2.49
N PHE A 159 -5.44 3.86 3.14
CA PHE A 159 -6.49 4.76 3.58
C PHE A 159 -6.66 5.90 2.59
N HIS A 160 -7.89 6.39 2.46
CA HIS A 160 -8.20 7.56 1.58
C HIS A 160 -7.37 8.80 2.01
N PRO A 161 -6.89 9.63 1.04
CA PRO A 161 -5.95 10.70 1.42
C PRO A 161 -6.65 11.90 2.06
N ARG A 162 -7.98 12.02 1.94
CA ARG A 162 -8.68 13.09 2.67
C ARG A 162 -9.63 12.63 3.77
N ASP A 163 -9.96 11.35 3.84
CA ASP A 163 -10.94 10.92 4.82
C ASP A 163 -10.34 9.78 5.55
N PRO A 164 -9.91 10.04 6.81
CA PRO A 164 -9.19 9.02 7.57
C PRO A 164 -10.01 7.74 7.89
N ASN A 165 -11.34 7.77 7.73
CA ASN A 165 -12.18 6.58 8.00
C ASN A 165 -12.36 5.61 6.81
N LEU A 166 -11.95 6.03 5.61
CA LEU A 166 -12.20 5.22 4.39
C LEU A 166 -10.99 4.34 4.07
N LEU A 167 -11.17 3.05 4.31
CA LEU A 167 -10.07 2.12 4.19
C LEU A 167 -10.39 1.21 3.04
N LEU A 168 -9.38 1.05 2.19
CA LEU A 168 -9.53 0.17 1.04
C LEU A 168 -8.72 -1.11 1.28
N SER A 169 -9.32 -2.29 1.05
CA SER A 169 -8.54 -3.58 1.09
C SER A 169 -8.61 -4.32 -0.26
N VAL A 170 -7.54 -5.02 -0.62
CA VAL A 170 -7.55 -5.73 -1.87
C VAL A 170 -7.19 -7.19 -1.54
N SER A 171 -7.83 -8.14 -2.23
CA SER A 171 -7.84 -9.50 -1.74
C SER A 171 -7.44 -10.53 -2.80
N LYS A 172 -6.87 -11.62 -2.32
CA LYS A 172 -6.72 -12.86 -3.06
C LYS A 172 -8.04 -13.36 -3.61
N ASP A 173 -9.15 -12.84 -3.15
CA ASP A 173 -10.43 -13.29 -3.74
C ASP A 173 -10.85 -12.48 -4.94
N HIS A 174 -9.97 -11.61 -5.44
CA HIS A 174 -10.16 -10.93 -6.72
C HIS A 174 -10.91 -9.62 -6.54
N ALA A 175 -11.37 -9.28 -5.33
CA ALA A 175 -12.13 -8.04 -5.17
C ALA A 175 -11.37 -6.99 -4.37
N LEU A 176 -11.76 -5.71 -4.52
CA LEU A 176 -11.39 -4.69 -3.52
C LEU A 176 -12.62 -4.38 -2.67
N ARG A 177 -12.42 -3.91 -1.45
CA ARG A 177 -13.57 -3.48 -0.63
C ARG A 177 -13.24 -2.16 0.01
N LEU A 178 -14.23 -1.32 0.09
CA LEU A 178 -14.07 -0.02 0.72
C LEU A 178 -14.92 -0.04 2.00
N TRP A 179 -14.26 0.25 3.11
CA TRP A 179 -14.85 0.22 4.44
C TRP A 179 -14.89 1.64 5.03
N ASN A 180 -15.90 1.88 5.83
CA ASN A 180 -15.95 3.09 6.66
C ASN A 180 -15.76 2.65 8.09
N ILE A 181 -14.56 2.92 8.63
CA ILE A 181 -14.20 2.48 9.99
C ILE A 181 -14.61 3.43 11.13
N GLN A 182 -15.43 4.41 10.80
CA GLN A 182 -16.16 5.22 11.76
C GLN A 182 -17.50 4.52 12.10
N THR A 183 -18.32 4.21 11.09
CA THR A 183 -19.59 3.51 11.32
C THR A 183 -19.49 1.95 11.18
N ASP A 184 -18.29 1.40 10.88
CA ASP A 184 -18.07 -0.05 10.76
C ASP A 184 -18.90 -0.64 9.65
N THR A 185 -18.91 0.04 8.51
CA THR A 185 -19.73 -0.39 7.36
C THR A 185 -18.82 -0.76 6.15
N LEU A 186 -19.26 -1.80 5.42
CA LEU A 186 -18.77 -2.12 4.08
C LEU A 186 -19.48 -1.26 3.09
N VAL A 187 -18.78 -0.26 2.57
CA VAL A 187 -19.43 0.71 1.67
C VAL A 187 -19.61 0.12 0.23
N ALA A 188 -18.59 -0.57 -0.27
CA ALA A 188 -18.69 -1.08 -1.63
C ALA A 188 -17.70 -2.29 -1.85
N ILE A 189 -18.06 -3.19 -2.77
CA ILE A 189 -17.27 -4.30 -3.25
C ILE A 189 -16.98 -4.03 -4.74
N PHE A 190 -15.70 -3.98 -5.12
CA PHE A 190 -15.29 -3.76 -6.54
C PHE A 190 -14.86 -5.10 -7.08
N GLY A 191 -15.72 -5.70 -7.93
CA GLY A 191 -15.46 -7.08 -8.36
C GLY A 191 -16.16 -7.38 -9.65
N GLY A 192 -16.78 -8.56 -9.72
CA GLY A 192 -17.55 -8.95 -10.89
C GLY A 192 -16.68 -9.54 -11.99
N VAL A 193 -17.29 -10.07 -13.04
CA VAL A 193 -16.42 -10.74 -14.03
C VAL A 193 -15.55 -9.77 -14.77
N GLU A 194 -16.02 -8.52 -14.94
CA GLU A 194 -15.19 -7.45 -15.55
C GLU A 194 -14.19 -6.81 -14.58
N GLY A 195 -14.24 -7.18 -13.30
CA GLY A 195 -13.15 -6.80 -12.41
C GLY A 195 -12.02 -7.77 -12.52
N HIS A 196 -11.21 -7.82 -11.48
CA HIS A 196 -10.04 -8.65 -11.53
C HIS A 196 -10.47 -10.14 -11.54
N ARG A 197 -9.70 -10.91 -12.29
CA ARG A 197 -9.93 -12.32 -12.51
C ARG A 197 -8.94 -13.20 -11.79
N ASP A 198 -8.14 -12.61 -10.89
CA ASP A 198 -7.14 -13.34 -10.08
C ASP A 198 -6.79 -12.38 -8.92
N GLU A 199 -5.90 -12.76 -8.01
CA GLU A 199 -5.69 -12.02 -6.78
C GLU A 199 -5.43 -10.57 -7.10
N VAL A 200 -6.06 -9.66 -6.36
CA VAL A 200 -5.62 -8.26 -6.43
C VAL A 200 -4.46 -8.08 -5.44
N LEU A 201 -3.37 -7.43 -5.87
CA LEU A 201 -2.10 -7.37 -5.16
C LEU A 201 -1.83 -5.96 -4.62
N SER A 202 -2.26 -4.94 -5.34
CA SER A 202 -2.01 -3.58 -4.86
C SER A 202 -3.14 -2.64 -5.31
N ALA A 203 -3.25 -1.46 -4.69
CA ALA A 203 -4.17 -0.39 -5.21
C ALA A 203 -3.75 0.94 -4.61
N ASP A 204 -4.15 2.05 -5.24
CA ASP A 204 -3.79 3.38 -4.74
C ASP A 204 -4.93 4.29 -5.12
N TYR A 205 -5.29 5.18 -4.20
CA TYR A 205 -6.18 6.27 -4.50
C TYR A 205 -5.35 7.36 -5.18
N ASP A 206 -5.96 8.19 -6.07
CA ASP A 206 -5.29 9.38 -6.57
C ASP A 206 -5.26 10.48 -5.50
N LEU A 207 -4.71 11.62 -5.89
CA LEU A 207 -4.48 12.75 -4.95
C LEU A 207 -5.71 13.12 -4.08
N LEU A 208 -6.85 13.32 -4.69
CA LEU A 208 -8.01 13.71 -3.90
C LEU A 208 -8.88 12.56 -3.53
N GLY A 209 -8.46 11.34 -3.81
CA GLY A 209 -9.31 10.14 -3.54
C GLY A 209 -10.65 10.16 -4.29
N GLU A 210 -10.61 10.68 -5.53
CA GLU A 210 -11.71 10.58 -6.45
C GLU A 210 -11.74 9.27 -7.20
N LYS A 211 -10.60 8.58 -7.28
CA LYS A 211 -10.55 7.34 -8.03
C LYS A 211 -9.46 6.41 -7.49
N ILE A 212 -9.57 5.14 -7.84
CA ILE A 212 -8.65 4.11 -7.39
C ILE A 212 -8.04 3.43 -8.62
N MET A 213 -6.73 3.16 -8.64
CA MET A 213 -6.14 2.25 -9.66
C MET A 213 -5.78 1.00 -8.93
N SER A 214 -6.25 -0.15 -9.38
CA SER A 214 -5.80 -1.42 -8.77
C SER A 214 -5.04 -2.28 -9.79
N CYS A 215 -4.40 -3.36 -9.32
CA CYS A 215 -3.62 -4.21 -10.19
C CYS A 215 -3.41 -5.60 -9.54
N GLY A 216 -3.15 -6.62 -10.35
CA GLY A 216 -2.98 -7.96 -9.74
C GLY A 216 -2.42 -9.04 -10.64
N MET A 217 -2.70 -10.28 -10.24
CA MET A 217 -2.13 -11.45 -10.86
C MET A 217 -2.71 -11.69 -12.24
N ASP A 218 -3.78 -10.94 -12.63
CA ASP A 218 -4.30 -11.15 -13.97
C ASP A 218 -3.55 -10.23 -14.94
N HIS A 219 -2.48 -9.57 -14.46
CA HIS A 219 -1.62 -8.70 -15.33
C HIS A 219 -2.27 -7.38 -15.67
N SER A 220 -3.49 -7.14 -15.19
CA SER A 220 -4.18 -5.90 -15.55
C SER A 220 -4.13 -4.82 -14.44
N LEU A 221 -4.35 -3.56 -14.87
CA LEU A 221 -4.49 -2.41 -14.03
C LEU A 221 -5.90 -1.87 -14.33
N LYS A 222 -6.71 -1.71 -13.28
CA LYS A 222 -8.11 -1.23 -13.44
C LYS A 222 -8.40 0.03 -12.67
N LEU A 223 -9.15 0.94 -13.27
CA LEU A 223 -9.49 2.22 -12.59
C LEU A 223 -10.90 2.11 -12.10
N TRP A 224 -11.17 2.64 -10.93
CA TRP A 224 -12.52 2.56 -10.38
C TRP A 224 -12.75 3.92 -9.80
N ARG A 225 -13.74 4.65 -10.32
CA ARG A 225 -14.01 6.00 -9.91
C ARG A 225 -14.88 5.96 -8.67
N ILE A 226 -14.57 6.75 -7.63
CA ILE A 226 -15.40 6.76 -6.44
C ILE A 226 -15.99 8.18 -6.19
N ASN A 227 -15.92 9.03 -7.19
CA ASN A 227 -16.58 10.29 -7.14
C ASN A 227 -17.86 10.21 -7.99
N SER A 228 -18.29 9.02 -8.36
CA SER A 228 -19.58 8.96 -9.10
C SER A 228 -20.69 9.42 -8.18
N LYS A 229 -21.85 9.73 -8.73
CA LYS A 229 -23.02 10.09 -7.88
C LYS A 229 -23.43 8.94 -6.95
N ARG A 230 -23.47 7.74 -7.52
CA ARG A 230 -23.73 6.50 -6.79
C ARG A 230 -22.73 6.27 -5.63
N MET A 231 -21.41 6.39 -5.92
CA MET A 231 -20.37 6.24 -4.87
C MET A 231 -20.33 7.33 -3.79
N MET A 232 -20.56 8.57 -4.18
CA MET A 232 -20.57 9.65 -3.19
C MET A 232 -21.76 9.54 -2.25
N ASN A 233 -22.89 9.14 -2.82
CA ASN A 233 -24.10 8.94 -2.04
C ASN A 233 -23.87 7.77 -1.07
N ALA A 234 -23.29 6.66 -1.57
CA ALA A 234 -23.03 5.45 -0.77
C ALA A 234 -22.15 5.82 0.41
N ILE A 235 -21.14 6.64 0.18
CA ILE A 235 -20.26 7.05 1.28
C ILE A 235 -21.05 7.89 2.34
N LYS A 236 -21.82 8.84 1.81
CA LYS A 236 -22.66 9.71 2.68
C LYS A 236 -23.65 8.81 3.46
N GLU A 237 -24.28 7.88 2.77
CA GLU A 237 -25.19 7.00 3.49
C GLU A 237 -24.42 6.17 4.54
N SER A 238 -23.17 5.79 4.26
CA SER A 238 -22.41 4.98 5.23
C SER A 238 -22.16 5.77 6.52
N TYR A 239 -22.04 7.08 6.39
CA TYR A 239 -21.87 7.96 7.60
C TYR A 239 -23.19 8.14 8.35
N ASP A 240 -24.29 7.98 7.62
CA ASP A 240 -25.61 8.08 8.28
C ASP A 240 -26.01 6.77 8.96
N TYR A 241 -25.20 5.72 8.87
CA TYR A 241 -25.64 4.42 9.34
C TYR A 241 -25.27 4.11 10.80
N ASN A 242 -26.29 3.85 11.60
CA ASN A 242 -26.17 3.48 13.01
C ASN A 242 -27.16 2.31 13.29
N PRO A 243 -26.62 1.10 13.45
CA PRO A 243 -27.52 -0.03 13.56
C PRO A 243 -28.37 0.06 14.82
N ASN A 244 -27.98 0.85 15.82
CA ASN A 244 -28.85 1.01 17.03
C ASN A 244 -30.03 1.88 16.76
N LYS A 245 -30.01 2.62 15.66
CA LYS A 245 -31.11 3.54 15.40
C LYS A 245 -31.99 3.08 14.26
N THR A 246 -31.74 1.90 13.68
CA THR A 246 -32.54 1.45 12.53
C THR A 246 -32.67 -0.04 12.55
N ASN A 247 -33.49 -0.57 11.65
CA ASN A 247 -33.67 -2.03 11.47
C ASN A 247 -32.91 -2.68 10.28
N ARG A 248 -32.58 -1.89 9.28
CA ARG A 248 -32.01 -2.39 8.06
C ARG A 248 -30.52 -2.76 8.24
N PRO A 249 -30.05 -3.77 7.51
CA PRO A 249 -28.61 -3.86 7.37
C PRO A 249 -28.07 -2.70 6.46
N PHE A 250 -26.79 -2.37 6.58
CA PHE A 250 -26.24 -1.42 5.68
C PHE A 250 -26.03 -2.06 4.28
N ILE A 251 -26.58 -1.49 3.20
CA ILE A 251 -26.42 -2.15 1.88
C ILE A 251 -25.09 -1.69 1.24
N SER A 252 -24.25 -2.64 0.81
CA SER A 252 -23.01 -2.30 0.09
C SER A 252 -23.25 -2.12 -1.38
N GLN A 253 -22.57 -1.14 -2.03
CA GLN A 253 -22.50 -1.13 -3.51
C GLN A 253 -21.78 -2.34 -4.11
N LYS A 254 -22.36 -2.95 -5.14
CA LYS A 254 -21.61 -3.94 -5.96
C LYS A 254 -21.16 -3.18 -7.20
N ILE A 255 -19.86 -2.96 -7.33
CA ILE A 255 -19.31 -2.22 -8.49
C ILE A 255 -18.67 -3.29 -9.37
N HIS A 256 -19.27 -3.57 -10.52
CA HIS A 256 -18.88 -4.71 -11.36
C HIS A 256 -18.13 -4.32 -12.66
N PHE A 257 -17.88 -3.03 -12.82
CA PHE A 257 -17.32 -2.45 -14.09
C PHE A 257 -16.28 -1.39 -13.79
N PRO A 258 -15.00 -1.68 -14.06
CA PRO A 258 -13.99 -0.65 -13.95
C PRO A 258 -14.28 0.50 -14.94
N ASP A 259 -13.76 1.67 -14.65
CA ASP A 259 -13.80 2.85 -15.56
C ASP A 259 -12.71 2.90 -16.61
N PHE A 260 -11.77 1.96 -16.51
CA PHE A 260 -10.70 1.76 -17.47
C PHE A 260 -10.02 0.46 -17.06
N SER A 261 -9.54 -0.30 -18.05
CA SER A 261 -8.72 -1.51 -17.82
C SER A 261 -7.62 -1.68 -18.86
N THR A 262 -6.45 -2.15 -18.43
CA THR A 262 -5.38 -2.47 -19.35
C THR A 262 -4.58 -3.69 -18.89
N ARG A 263 -4.10 -4.43 -19.88
CA ARG A 263 -3.20 -5.56 -19.71
C ARG A 263 -1.97 -5.31 -20.59
N ASP A 264 -1.79 -4.06 -21.06
CA ASP A 264 -0.74 -3.73 -22.03
C ASP A 264 0.48 -3.14 -21.39
N ILE A 265 0.49 -2.99 -20.07
CA ILE A 265 1.66 -2.36 -19.41
C ILE A 265 2.76 -3.34 -19.10
N HIS A 266 2.36 -4.46 -18.48
CA HIS A 266 3.27 -5.51 -18.01
C HIS A 266 2.83 -6.86 -18.62
N ARG A 267 3.66 -7.89 -18.50
CA ARG A 267 3.35 -9.22 -18.99
C ARG A 267 3.47 -10.27 -17.91
N ASN A 268 3.31 -9.83 -16.65
CA ASN A 268 3.28 -10.75 -15.55
C ASN A 268 2.52 -10.05 -14.38
N TYR A 269 2.47 -10.69 -13.23
CA TYR A 269 1.71 -10.19 -12.08
C TYR A 269 2.10 -8.76 -11.78
N VAL A 270 1.12 -7.86 -11.71
CA VAL A 270 1.39 -6.47 -11.36
C VAL A 270 1.22 -6.40 -9.83
N ASP A 271 2.31 -6.08 -9.16
CA ASP A 271 2.34 -6.16 -7.71
C ASP A 271 2.42 -4.85 -6.93
N CYS A 272 2.50 -3.71 -7.62
CA CYS A 272 2.53 -2.42 -6.93
C CYS A 272 2.11 -1.33 -7.89
N VAL A 273 1.24 -0.42 -7.45
CA VAL A 273 0.78 0.69 -8.31
C VAL A 273 0.71 1.96 -7.44
N ARG A 274 1.03 3.11 -8.03
CA ARG A 274 0.94 4.37 -7.29
C ARG A 274 0.56 5.45 -8.28
N TRP A 275 -0.39 6.32 -7.94
CA TRP A 275 -0.59 7.50 -8.80
C TRP A 275 0.60 8.48 -8.72
N LEU A 276 0.95 9.09 -9.86
CA LEU A 276 1.84 10.26 -9.83
C LEU A 276 1.11 11.39 -10.51
N GLY A 277 0.28 12.13 -9.75
CA GLY A 277 -0.58 13.17 -10.33
C GLY A 277 -1.63 12.41 -11.12
N ASP A 278 -1.76 12.71 -12.41
CA ASP A 278 -2.63 11.97 -13.29
C ASP A 278 -2.00 10.77 -14.01
N LEU A 279 -0.69 10.52 -13.82
CA LEU A 279 -0.01 9.42 -14.49
C LEU A 279 0.01 8.30 -13.47
N ILE A 280 0.44 7.12 -13.92
CA ILE A 280 0.56 5.97 -13.05
C ILE A 280 2.01 5.47 -13.00
N LEU A 281 2.48 5.03 -11.80
CA LEU A 281 3.68 4.21 -11.71
C LEU A 281 3.30 2.79 -11.31
N SER A 282 3.61 1.79 -12.12
CA SER A 282 3.35 0.44 -11.67
C SER A 282 4.47 -0.50 -11.98
N LYS A 283 4.52 -1.61 -11.28
CA LYS A 283 5.55 -2.60 -11.59
C LYS A 283 5.00 -4.00 -11.56
N SER A 284 5.76 -4.90 -12.20
CA SER A 284 5.56 -6.30 -12.10
C SER A 284 6.91 -6.91 -11.64
N CYS A 285 7.04 -8.21 -11.88
CA CYS A 285 8.26 -8.89 -11.53
C CYS A 285 9.23 -8.99 -12.75
N GLU A 286 9.22 -7.96 -13.60
CA GLU A 286 10.04 -7.96 -14.83
C GLU A 286 11.14 -6.89 -14.75
N ASN A 287 11.56 -6.55 -13.52
CA ASN A 287 12.70 -5.62 -13.30
C ASN A 287 12.48 -4.22 -13.90
N ALA A 288 11.23 -3.72 -13.80
CA ALA A 288 10.85 -2.41 -14.30
C ALA A 288 9.65 -1.79 -13.59
N ILE A 289 9.76 -0.50 -13.35
CA ILE A 289 8.61 0.34 -12.99
C ILE A 289 8.28 1.15 -14.23
N VAL A 290 7.03 1.09 -14.69
CA VAL A 290 6.65 1.78 -15.94
C VAL A 290 5.83 3.02 -15.47
N CYS A 291 6.07 4.16 -16.09
CA CYS A 291 5.25 5.35 -15.90
C CYS A 291 4.38 5.48 -17.10
N TRP A 292 3.06 5.44 -16.93
CA TRP A 292 2.14 5.42 -18.09
C TRP A 292 0.83 6.16 -17.76
N LYS A 293 -0.02 6.35 -18.75
CA LYS A 293 -1.32 6.93 -18.48
C LYS A 293 -2.30 6.23 -19.44
N PRO A 294 -3.58 6.10 -19.02
CA PRO A 294 -4.65 5.67 -19.91
C PRO A 294 -4.81 6.63 -21.09
N GLY A 295 -5.20 6.08 -22.24
CA GLY A 295 -5.49 6.89 -23.38
C GLY A 295 -4.21 7.37 -24.06
N LYS A 296 -4.38 8.33 -24.94
CA LYS A 296 -3.33 8.81 -25.74
C LYS A 296 -2.67 9.98 -24.97
N MET A 297 -1.62 10.54 -25.53
CA MET A 297 -0.72 11.45 -24.80
C MET A 297 -1.45 12.64 -24.23
N GLU A 298 -2.33 13.22 -25.02
CA GLU A 298 -3.02 14.45 -24.65
C GLU A 298 -4.43 14.21 -24.03
N ASP A 299 -4.82 12.94 -23.76
CA ASP A 299 -6.14 12.65 -23.18
C ASP A 299 -6.19 12.89 -21.68
N ASP A 300 -7.15 13.72 -21.29
CA ASP A 300 -7.48 14.01 -19.91
C ASP A 300 -7.95 12.72 -19.15
N ILE A 301 -7.34 12.44 -17.99
CA ILE A 301 -7.76 11.26 -17.17
C ILE A 301 -9.29 11.28 -16.90
N ASP A 302 -9.86 12.44 -16.64
CA ASP A 302 -11.31 12.47 -16.35
C ASP A 302 -12.26 12.35 -17.55
N LYS A 303 -11.71 12.31 -18.76
CA LYS A 303 -12.51 12.08 -19.96
C LYS A 303 -12.34 10.66 -20.54
N ILE A 304 -11.50 9.84 -19.90
CA ILE A 304 -11.26 8.46 -20.37
C ILE A 304 -12.58 7.64 -20.17
N LYS A 305 -13.00 6.91 -21.19
CA LYS A 305 -14.26 6.14 -21.12
C LYS A 305 -13.91 4.71 -20.79
N PRO A 306 -14.88 3.92 -20.27
CA PRO A 306 -14.57 2.55 -19.90
C PRO A 306 -14.01 1.75 -21.06
N SER A 307 -14.40 2.07 -22.28
CA SER A 307 -13.95 1.24 -23.36
C SER A 307 -12.61 1.70 -23.97
N GLU A 308 -11.90 2.65 -23.34
CA GLU A 308 -10.57 3.10 -23.85
C GLU A 308 -9.61 1.96 -24.08
N SER A 309 -9.15 1.79 -25.33
CA SER A 309 -8.20 0.75 -25.60
C SER A 309 -6.70 1.19 -25.69
N ASN A 310 -6.37 2.47 -25.59
CA ASN A 310 -4.94 2.83 -25.64
C ASN A 310 -4.37 3.21 -24.28
N VAL A 311 -3.04 3.07 -24.16
CA VAL A 311 -2.24 3.67 -23.07
C VAL A 311 -1.06 4.45 -23.64
N THR A 312 -0.41 5.31 -22.85
CA THR A 312 0.79 6.01 -23.30
C THR A 312 1.97 5.68 -22.37
N ILE A 313 3.11 5.21 -22.87
CA ILE A 313 4.27 4.93 -21.97
C ILE A 313 5.12 6.19 -21.88
N LEU A 314 5.28 6.75 -20.68
CA LEU A 314 6.03 8.01 -20.53
C LEU A 314 7.47 7.80 -20.07
N GLY A 315 7.80 6.55 -19.76
CA GLY A 315 9.18 6.21 -19.34
C GLY A 315 9.19 4.90 -18.63
N ARG A 316 10.37 4.35 -18.38
CA ARG A 316 10.47 3.10 -17.67
C ARG A 316 11.78 3.08 -16.90
N PHE A 317 11.73 2.76 -15.60
CA PHE A 317 12.93 2.74 -14.75
C PHE A 317 13.32 1.31 -14.54
N ASP A 318 14.39 0.89 -15.21
CA ASP A 318 14.86 -0.50 -15.08
C ASP A 318 15.79 -0.65 -13.86
N TYR A 319 15.95 -1.88 -13.39
CA TYR A 319 16.79 -2.21 -12.24
C TYR A 319 17.07 -3.74 -12.36
N SER A 320 17.70 -4.36 -11.39
CA SER A 320 18.08 -5.76 -11.51
C SER A 320 17.59 -6.58 -10.33
N GLN A 321 17.45 -7.89 -10.60
CA GLN A 321 17.28 -8.93 -9.59
C GLN A 321 16.11 -8.65 -8.71
N CYS A 322 14.95 -8.50 -9.37
CA CYS A 322 13.70 -8.33 -8.69
C CYS A 322 12.66 -9.11 -9.52
N ASP A 323 12.91 -10.42 -9.73
CA ASP A 323 12.00 -11.28 -10.50
C ASP A 323 11.01 -12.05 -9.64
N ILE A 324 11.05 -11.85 -8.32
CA ILE A 324 10.08 -12.49 -7.46
C ILE A 324 8.89 -11.53 -7.34
N TRP A 325 7.70 -12.04 -7.07
CA TRP A 325 6.56 -11.12 -6.92
C TRP A 325 6.29 -10.77 -5.46
N TYR A 326 5.55 -9.69 -5.25
CA TYR A 326 5.29 -9.08 -3.94
C TYR A 326 6.50 -8.31 -3.40
N MET A 327 6.86 -7.28 -4.18
CA MET A 327 7.99 -6.41 -3.92
C MET A 327 7.51 -4.99 -4.21
N ARG A 328 7.34 -4.18 -3.18
CA ARG A 328 6.65 -2.97 -3.36
C ARG A 328 7.58 -1.77 -3.25
N PHE A 329 7.37 -0.81 -4.11
CA PHE A 329 8.08 0.44 -3.95
C PHE A 329 7.28 1.45 -3.08
N SER A 330 7.94 2.43 -2.47
CA SER A 330 7.20 3.49 -1.76
C SER A 330 7.66 4.84 -2.25
N MET A 331 6.91 5.90 -1.95
CA MET A 331 7.33 7.29 -2.19
C MET A 331 7.35 8.11 -0.90
N ASP A 332 8.10 9.20 -0.91
CA ASP A 332 8.12 10.13 0.23
C ASP A 332 6.73 10.89 0.22
N PHE A 333 6.47 11.61 1.31
CA PHE A 333 5.22 12.35 1.42
C PHE A 333 4.95 13.27 0.22
N TRP A 334 5.97 13.95 -0.27
CA TRP A 334 5.77 14.95 -1.34
C TRP A 334 5.74 14.36 -2.73
N GLN A 335 6.06 13.08 -2.82
CA GLN A 335 6.24 12.39 -4.15
C GLN A 335 7.35 12.95 -5.03
N LYS A 336 8.42 13.36 -4.35
CA LYS A 336 9.69 13.77 -4.95
C LYS A 336 10.60 12.57 -5.29
N MET A 337 10.40 11.44 -4.60
CA MET A 337 11.31 10.34 -4.79
C MET A 337 10.62 8.99 -4.56
N LEU A 338 11.29 7.95 -4.99
CA LEU A 338 10.71 6.63 -5.04
C LEU A 338 11.81 5.66 -4.67
N ALA A 339 11.53 4.72 -3.73
CA ALA A 339 12.52 3.70 -3.35
C ALA A 339 11.94 2.31 -3.58
N LEU A 340 12.79 1.41 -4.10
CA LEU A 340 12.48 -0.01 -4.27
C LEU A 340 13.67 -0.89 -3.88
N GLY A 341 13.45 -1.93 -3.06
CA GLY A 341 14.47 -2.92 -2.81
C GLY A 341 14.36 -4.09 -3.76
N ASN A 342 15.48 -4.74 -4.05
CA ASN A 342 15.45 -6.00 -4.85
C ASN A 342 15.66 -7.30 -4.03
N GLN A 343 15.67 -8.47 -4.71
CA GLN A 343 15.70 -9.74 -4.03
C GLN A 343 17.07 -10.15 -3.43
N VAL A 344 18.10 -9.34 -3.67
CA VAL A 344 19.40 -9.54 -3.06
C VAL A 344 19.83 -8.35 -2.17
N GLY A 345 18.86 -7.55 -1.71
CA GLY A 345 19.13 -6.54 -0.68
C GLY A 345 19.74 -5.22 -1.11
N LYS A 346 19.72 -4.99 -2.40
CA LYS A 346 20.03 -3.67 -2.97
C LYS A 346 18.83 -2.72 -2.98
N LEU A 347 19.09 -1.44 -2.70
CA LEU A 347 18.05 -0.38 -2.74
C LEU A 347 18.25 0.53 -3.92
N TYR A 348 17.16 0.81 -4.64
CA TYR A 348 17.21 1.83 -5.70
C TYR A 348 16.35 3.02 -5.26
N VAL A 349 16.87 4.24 -5.44
CA VAL A 349 16.07 5.42 -5.14
C VAL A 349 16.06 6.30 -6.36
N TRP A 350 14.88 6.73 -6.84
CA TRP A 350 14.79 7.63 -7.99
C TRP A 350 14.33 9.05 -7.55
N ASP A 351 15.06 10.06 -7.99
CA ASP A 351 14.70 11.46 -7.82
C ASP A 351 13.77 11.82 -8.96
N LEU A 352 12.48 12.03 -8.65
CA LEU A 352 11.47 12.38 -9.68
C LEU A 352 11.20 13.88 -9.83
N GLU A 353 12.04 14.67 -9.17
CA GLU A 353 11.97 16.13 -9.18
C GLU A 353 12.72 16.62 -10.47
N VAL A 354 12.15 16.30 -11.63
CA VAL A 354 12.71 16.59 -12.95
C VAL A 354 11.53 16.91 -13.86
N GLU A 355 11.73 17.51 -15.03
CA GLU A 355 10.58 17.97 -15.79
C GLU A 355 9.72 16.87 -16.37
N ASP A 356 10.29 15.71 -16.63
CA ASP A 356 9.47 14.65 -17.24
C ASP A 356 9.77 13.33 -16.58
N PRO A 357 8.81 12.40 -16.61
CA PRO A 357 9.11 11.15 -15.85
C PRO A 357 10.40 10.44 -16.27
N HIS A 358 10.66 10.36 -17.59
CA HIS A 358 11.84 9.62 -18.07
C HIS A 358 13.19 10.22 -17.69
N LYS A 359 13.21 11.44 -17.11
CA LYS A 359 14.46 12.05 -16.70
C LYS A 359 14.80 11.71 -15.28
N ALA A 360 14.08 10.75 -14.64
CA ALA A 360 14.34 10.40 -13.20
C ALA A 360 15.81 10.02 -12.99
N LYS A 361 16.40 10.52 -11.89
CA LYS A 361 17.80 10.21 -11.51
C LYS A 361 17.84 9.15 -10.43
N CYS A 362 18.54 8.07 -10.75
CA CYS A 362 18.60 6.91 -9.90
C CYS A 362 19.89 6.93 -9.08
N THR A 363 19.81 6.59 -7.79
CA THR A 363 21.04 6.27 -7.02
C THR A 363 20.73 4.94 -6.35
N THR A 364 21.77 4.20 -5.99
CA THR A 364 21.54 2.94 -5.29
C THR A 364 22.23 2.93 -3.96
N LEU A 365 21.77 2.07 -3.08
CA LEU A 365 22.24 2.03 -1.67
C LEU A 365 22.43 0.53 -1.34
N THR A 366 23.68 0.15 -1.05
CA THR A 366 24.03 -1.20 -0.70
C THR A 366 24.80 -1.21 0.60
N HIS A 367 24.69 -2.32 1.31
CA HIS A 367 25.49 -2.62 2.50
C HIS A 367 25.91 -4.09 2.40
N HIS A 368 27.16 -4.35 2.75
CA HIS A 368 27.72 -5.66 2.54
C HIS A 368 27.02 -6.73 3.37
N LYS A 369 26.43 -6.38 4.51
CA LYS A 369 25.69 -7.39 5.28
C LYS A 369 24.20 -7.46 4.89
N CYS A 370 23.74 -6.64 3.94
CA CYS A 370 22.31 -6.65 3.61
C CYS A 370 22.12 -7.49 2.36
N GLY A 371 21.75 -8.77 2.51
CA GLY A 371 21.66 -9.63 1.33
C GLY A 371 20.32 -10.33 1.06
N ALA A 372 19.35 -10.18 1.95
CA ALA A 372 18.08 -10.87 1.83
C ALA A 372 17.11 -9.98 1.03
N ALA A 373 16.03 -10.55 0.49
CA ALA A 373 15.07 -9.76 -0.32
C ALA A 373 14.40 -8.65 0.49
N ILE A 374 14.35 -7.44 -0.08
CA ILE A 374 13.69 -6.29 0.54
C ILE A 374 12.24 -6.26 0.03
N ARG A 375 11.24 -6.42 0.94
CA ARG A 375 9.83 -6.52 0.53
C ARG A 375 9.18 -5.18 0.37
N GLN A 376 9.67 -4.18 1.12
CA GLN A 376 9.05 -2.88 1.08
C GLN A 376 10.02 -1.93 1.78
N THR A 377 9.88 -0.63 1.44
CA THR A 377 10.57 0.50 1.96
C THR A 377 9.53 1.48 2.56
N SER A 378 9.98 2.39 3.40
CA SER A 378 9.11 3.50 3.83
C SER A 378 9.97 4.68 4.21
N PHE A 379 9.63 5.89 3.72
CA PHE A 379 10.25 7.16 4.20
C PHE A 379 9.50 7.73 5.35
N SER A 380 10.24 8.30 6.31
CA SER A 380 9.64 9.13 7.32
C SER A 380 8.94 10.32 6.64
N ARG A 381 8.09 11.05 7.36
CA ARG A 381 7.27 12.08 6.76
C ARG A 381 8.17 13.23 6.25
N ASP A 382 9.19 13.57 7.04
CA ASP A 382 10.08 14.68 6.78
C ASP A 382 11.18 14.30 5.80
N SER A 383 11.10 13.07 5.26
CA SER A 383 12.07 12.42 4.36
C SER A 383 13.53 12.13 4.89
N SER A 384 13.81 12.28 6.19
CA SER A 384 15.19 12.13 6.70
C SER A 384 15.60 10.67 6.93
N ILE A 385 14.61 9.76 6.97
CA ILE A 385 14.95 8.35 7.24
C ILE A 385 14.26 7.45 6.22
N LEU A 386 14.99 6.48 5.75
CA LEU A 386 14.38 5.46 4.88
C LEU A 386 14.54 4.12 5.56
N ILE A 387 13.46 3.34 5.68
CA ILE A 387 13.59 1.99 6.23
C ILE A 387 13.32 0.95 5.14
N ALA A 388 14.14 -0.10 5.11
CA ALA A 388 13.92 -1.33 4.25
C ALA A 388 13.73 -2.57 5.16
N VAL A 389 12.72 -3.40 4.86
CA VAL A 389 12.54 -4.66 5.60
C VAL A 389 12.64 -5.86 4.68
N CYS A 390 13.09 -7.02 5.22
CA CYS A 390 13.66 -8.12 4.46
C CYS A 390 13.06 -9.45 4.81
N ASP A 391 13.21 -10.39 3.90
CA ASP A 391 12.72 -11.74 4.03
C ASP A 391 13.34 -12.56 5.19
N ASP A 392 14.48 -12.14 5.72
CA ASP A 392 15.12 -12.87 6.81
C ASP A 392 14.82 -12.17 8.16
N ALA A 393 13.79 -11.32 8.17
CA ALA A 393 13.28 -10.53 9.30
C ALA A 393 14.15 -9.37 9.75
N SER A 394 15.09 -8.93 8.89
CA SER A 394 15.95 -7.79 9.18
C SER A 394 15.30 -6.49 8.75
N ILE A 395 15.70 -5.43 9.42
CA ILE A 395 15.25 -4.05 9.26
C ILE A 395 16.51 -3.24 9.08
N TRP A 396 16.53 -2.36 8.08
CA TRP A 396 17.69 -1.52 7.71
C TRP A 396 17.33 -0.06 7.76
N ARG A 397 18.09 0.72 8.52
CA ARG A 397 17.81 2.08 8.62
C ARG A 397 18.86 2.90 7.89
N TRP A 398 18.38 3.80 7.00
CA TRP A 398 19.21 4.71 6.20
C TRP A 398 18.85 6.16 6.50
N ASP A 399 19.82 7.02 6.86
CA ASP A 399 19.53 8.41 7.24
C ASP A 399 20.09 9.31 6.17
N ARG A 400 19.35 10.37 5.86
CA ARG A 400 19.76 11.34 4.80
C ARG A 400 20.95 12.12 5.23
N ASP B 1 5.75 -17.82 -12.04
CA ASP B 1 6.16 -16.69 -11.16
C ASP B 1 6.22 -16.97 -9.62
N PHE B 2 7.42 -16.92 -9.04
CA PHE B 2 7.80 -17.32 -7.65
C PHE B 2 7.60 -16.09 -6.67
N M3L B 3 6.95 -16.28 -5.51
CA M3L B 3 6.76 -15.21 -4.49
CB M3L B 3 5.56 -15.42 -3.52
CG M3L B 3 5.23 -14.19 -2.66
CD M3L B 3 4.15 -14.38 -1.57
CE M3L B 3 3.82 -13.08 -0.78
NZ M3L B 3 2.67 -13.18 0.16
C M3L B 3 8.06 -15.03 -3.72
O M3L B 3 8.35 -13.95 -3.17
CM1 M3L B 3 1.33 -13.13 -0.48
CM2 M3L B 3 2.74 -11.99 1.01
CM3 M3L B 3 2.80 -14.44 0.96
N THR B 4 8.83 -16.09 -3.74
CA THR B 4 10.07 -16.28 -2.97
C THR B 4 11.18 -17.04 -3.76
N ASP B 5 12.44 -16.86 -3.39
CA ASP B 5 13.52 -17.67 -3.98
C ASP B 5 13.85 -18.91 -3.16
#